data_4BYH
#
_entry.id   4BYH
#
_cell.length_a   153.000
_cell.length_b   153.000
_cell.length_c   111.850
_cell.angle_alpha   90.00
_cell.angle_beta   90.00
_cell.angle_gamma   120.00
#
_symmetry.space_group_name_H-M   'P 61 2 2'
#
loop_
_entity.id
_entity.type
_entity.pdbx_description
1 polymer 'IG GAMMA-1 CHAIN C REGION'
2 branched 'N-acetyl-alpha-neuraminic acid-(2-6)-beta-D-galactopyranose-(1-4)-2-acetamido-2-deoxy-beta-D-glucopyranose-(1-2)-alpha-D-mannopyranose-(1-6)-[2-acetamido-2-deoxy-beta-D-glucopyranose-(1-2)-alpha-D-mannopyranose-(1-3)]beta-D-mannopyranose-(1-4)-2-acetamido-2-deoxy-beta-D-glucopyranose-(1-4)-[alpha-L-fucopyranose-(1-6)]2-acetamido-2-deoxy-beta-D-glucopyranose'
3 branched beta-D-galactopyranose-(1-4)-2-acetamido-2-deoxy-beta-D-glucopyranose-(1-2)-alpha-D-mannopyranose-(1-3)-[beta-D-galactopyranose-(1-4)-2-acetamido-2-deoxy-beta-D-glucopyranose-(1-2)-alpha-D-mannopyranose-(1-6)]beta-D-mannopyranose-(1-4)-2-acetamido-2-deoxy-beta-D-glucopyranose-(1-4)-[alpha-L-fucopyranose-(1-6)]2-acetamido-2-deoxy-beta-D-glucopyranose
4 non-polymer 'CHLORIDE ION'
5 water water
#
_entity_poly.entity_id   1
_entity_poly.type   'polypeptide(L)'
_entity_poly.pdbx_seq_one_letter_code
;GTHTCPPCPAPELLGGPSVFLFPPKPKDTLMISRTPEVTCVVVDVSHEDPEVKFNWYVDGVEVHNAKTKPREEQYNSTYR
VVSVLTVLHQDWLNGKEYKCKVSNKALPAPIEKTISKAKGQPREPQVYTLPPSREEMTKNQVSLTCLVKGFYPSDIAVEW
ESNGQPENNYKTTPPVLDSDGSFFLYSKLTVDKSRWQQGNVFSCSVMHEALHNHYTQKSLSLSPGTKHHHHHH
;
_entity_poly.pdbx_strand_id   A,B
#
loop_
_chem_comp.id
_chem_comp.type
_chem_comp.name
_chem_comp.formula
BMA D-saccharide, beta linking beta-D-mannopyranose 'C6 H12 O6'
CL non-polymer 'CHLORIDE ION' 'Cl -1'
FUC L-saccharide, alpha linking alpha-L-fucopyranose 'C6 H12 O5'
GAL D-saccharide, beta linking beta-D-galactopyranose 'C6 H12 O6'
MAN D-saccharide, alpha linking alpha-D-mannopyranose 'C6 H12 O6'
NAG D-saccharide, beta linking 2-acetamido-2-deoxy-beta-D-glucopyranose 'C8 H15 N O6'
SIA D-saccharide, alpha linking 'N-acetyl-alpha-neuraminic acid' 'C11 H19 N O9'
#
# COMPACT_ATOMS: atom_id res chain seq x y z
N PRO A 17 20.13 19.57 5.14
CA PRO A 17 18.68 19.45 5.32
C PRO A 17 17.97 18.75 4.15
N SER A 18 16.85 18.10 4.43
CA SER A 18 16.08 17.37 3.40
C SER A 18 14.68 17.96 3.25
N VAL A 19 14.19 17.96 2.00
CA VAL A 19 12.89 18.55 1.65
C VAL A 19 11.91 17.51 1.09
N PHE A 20 10.68 17.57 1.62
CA PHE A 20 9.58 16.73 1.18
C PHE A 20 8.33 17.58 0.94
N LEU A 21 7.63 17.27 -0.15
CA LEU A 21 6.52 18.08 -0.61
C LEU A 21 5.24 17.25 -0.76
N PHE A 22 4.17 17.62 -0.05
CA PHE A 22 2.95 16.80 -0.03
C PHE A 22 1.74 17.42 -0.70
N PRO A 23 0.92 16.60 -1.38
CA PRO A 23 -0.27 17.08 -2.06
C PRO A 23 -1.46 17.28 -1.10
N PRO A 24 -2.53 17.90 -1.58
CA PRO A 24 -3.76 18.03 -0.79
C PRO A 24 -4.55 16.72 -0.74
N LYS A 25 -5.52 16.64 0.18
CA LYS A 25 -6.40 15.48 0.25
C LYS A 25 -7.40 15.50 -0.91
N PRO A 26 -7.70 14.34 -1.50
CA PRO A 26 -8.62 14.21 -2.59
C PRO A 26 -9.93 14.99 -2.42
N LYS A 27 -10.63 14.82 -1.30
CA LYS A 27 -11.88 15.55 -1.07
C LYS A 27 -11.74 17.07 -1.08
N ASP A 28 -10.60 17.58 -0.59
CA ASP A 28 -10.38 19.02 -0.55
C ASP A 28 -10.27 19.59 -1.96
N THR A 29 -9.68 18.83 -2.87
CA THR A 29 -9.58 19.27 -4.25
C THR A 29 -10.95 19.25 -4.96
N LEU A 30 -11.87 18.38 -4.54
CA LEU A 30 -13.08 18.16 -5.31
C LEU A 30 -14.26 18.97 -4.81
N MET A 31 -14.20 19.47 -3.59
CA MET A 31 -15.32 20.20 -3.01
C MET A 31 -14.98 21.69 -2.94
N ILE A 32 -15.81 22.47 -3.63
CA ILE A 32 -15.68 23.92 -3.69
C ILE A 32 -15.72 24.59 -2.33
N SER A 33 -16.31 23.92 -1.34
CA SER A 33 -16.44 24.48 0.01
C SER A 33 -15.21 24.22 0.89
N ARG A 34 -14.27 23.40 0.43
CA ARG A 34 -13.12 23.03 1.25
C ARG A 34 -11.83 23.64 0.71
N THR A 35 -10.75 23.50 1.49
CA THR A 35 -9.51 24.23 1.28
C THR A 35 -8.37 23.28 0.95
N PRO A 36 -8.04 23.13 -0.32
CA PRO A 36 -6.92 22.27 -0.68
C PRO A 36 -5.57 22.95 -0.41
N GLU A 37 -4.65 22.23 0.23
CA GLU A 37 -3.34 22.76 0.57
C GLU A 37 -2.19 21.85 0.19
N VAL A 38 -1.10 22.46 -0.26
CA VAL A 38 0.14 21.75 -0.52
C VAL A 38 1.10 22.08 0.62
N THR A 39 1.86 21.08 1.07
CA THR A 39 2.70 21.22 2.26
C THR A 39 4.17 20.87 1.99
N CYS A 40 5.04 21.85 2.23
CA CYS A 40 6.48 21.71 2.03
C CYS A 40 7.14 21.56 3.38
N VAL A 41 7.82 20.44 3.58
CA VAL A 41 8.44 20.09 4.85
C VAL A 41 9.96 19.97 4.71
N VAL A 42 10.66 20.68 5.59
CA VAL A 42 12.10 20.66 5.67
C VAL A 42 12.55 20.02 6.99
N VAL A 43 13.39 18.98 6.88
CA VAL A 43 13.91 18.29 8.06
C VAL A 43 15.43 18.31 8.11
N ASP A 44 15.99 17.99 9.27
CA ASP A 44 17.46 17.94 9.42
C ASP A 44 18.07 19.33 9.31
N VAL A 45 17.42 20.33 9.90
CA VAL A 45 17.95 21.70 9.92
C VAL A 45 18.81 21.89 11.16
N SER A 46 20.03 22.40 10.94
CA SER A 46 21.02 22.47 12.01
C SER A 46 20.85 23.69 12.90
N HIS A 47 21.41 23.59 14.08
CA HIS A 47 21.43 24.72 15.01
C HIS A 47 22.44 25.77 14.52
N GLU A 48 23.53 25.34 13.89
CA GLU A 48 24.50 26.29 13.33
C GLU A 48 23.99 27.07 12.10
N ASP A 49 23.10 26.44 11.31
CA ASP A 49 22.45 27.08 10.15
C ASP A 49 20.93 26.85 10.27
N PRO A 50 20.30 27.50 11.25
CA PRO A 50 18.88 27.23 11.50
C PRO A 50 17.92 27.95 10.54
N GLU A 51 18.41 28.97 9.83
CA GLU A 51 17.54 29.87 9.09
C GLU A 51 17.17 29.28 7.74
N VAL A 52 15.89 29.36 7.43
CA VAL A 52 15.26 28.55 6.38
C VAL A 52 14.28 29.45 5.65
N LYS A 53 14.53 29.66 4.36
CA LYS A 53 13.73 30.58 3.57
C LYS A 53 12.99 29.83 2.47
N PHE A 54 11.67 30.06 2.39
CA PHE A 54 10.80 29.40 1.41
C PHE A 54 10.43 30.35 0.30
N ASN A 55 10.56 29.88 -0.93
CA ASN A 55 10.01 30.54 -2.09
C ASN A 55 9.09 29.54 -2.80
N TRP A 56 7.87 29.97 -3.09
CA TRP A 56 6.90 29.11 -3.77
C TRP A 56 6.61 29.60 -5.19
N TYR A 57 6.46 28.66 -6.12
CA TYR A 57 6.12 29.00 -7.50
C TYR A 57 4.99 28.15 -8.00
N VAL A 58 4.13 28.78 -8.79
CA VAL A 58 3.02 28.14 -9.43
C VAL A 58 3.27 28.26 -10.94
N ASP A 59 3.61 27.13 -11.56
CA ASP A 59 4.10 27.12 -12.95
C ASP A 59 5.14 28.22 -13.17
N GLY A 60 6.17 28.23 -12.34
CA GLY A 60 7.29 29.16 -12.47
C GLY A 60 7.06 30.61 -12.01
N VAL A 61 5.82 30.95 -11.66
CA VAL A 61 5.52 32.31 -11.22
C VAL A 61 5.52 32.33 -9.71
N GLU A 62 6.31 33.22 -9.11
CA GLU A 62 6.42 33.25 -7.67
C GLU A 62 5.14 33.78 -7.00
N VAL A 63 4.74 33.16 -5.89
CA VAL A 63 3.59 33.59 -5.09
C VAL A 63 4.01 33.82 -3.64
N HIS A 64 3.29 34.69 -2.92
CA HIS A 64 3.76 35.18 -1.63
C HIS A 64 2.79 34.96 -0.49
N ASN A 65 1.90 34.00 -0.65
CA ASN A 65 0.82 33.85 0.31
C ASN A 65 0.84 32.55 1.08
N ALA A 66 1.98 31.87 1.10
CA ALA A 66 2.13 30.67 1.90
C ALA A 66 2.11 31.02 3.38
N LYS A 67 1.62 30.12 4.22
CA LYS A 67 1.62 30.30 5.67
C LYS A 67 2.66 29.40 6.32
N THR A 68 3.78 29.99 6.72
CA THR A 68 4.84 29.24 7.34
C THR A 68 4.46 28.93 8.79
N LYS A 69 4.66 27.68 9.19
CA LYS A 69 4.30 27.22 10.53
C LYS A 69 5.48 27.39 11.48
N PRO A 70 5.20 27.51 12.78
CA PRO A 70 6.29 27.56 13.76
C PRO A 70 7.07 26.25 13.80
N ARG A 71 8.39 26.34 13.99
CA ARG A 71 9.27 25.16 13.98
C ARG A 71 9.06 24.36 15.26
N GLU A 72 9.03 23.03 15.12
CA GLU A 72 8.83 22.12 16.26
C GLU A 72 9.87 20.99 16.17
N GLU A 73 10.64 20.80 17.23
CA GLU A 73 11.88 20.00 17.13
C GLU A 73 12.04 18.68 17.91
N GLN A 74 11.00 18.15 18.56
CA GLN A 74 11.15 16.88 19.29
C GLN A 74 11.49 15.76 18.30
N TYR A 75 12.48 14.94 18.63
CA TYR A 75 13.37 15.22 19.75
C TYR A 75 14.82 15.20 19.31
N ASN A 76 15.09 14.68 18.13
CA ASN A 76 16.47 14.56 17.67
C ASN A 76 17.13 15.86 17.27
N SER A 77 18.31 15.74 16.67
CA SER A 77 19.25 16.84 16.54
C SER A 77 18.81 18.07 15.75
N THR A 78 17.88 17.92 14.79
CA THR A 78 17.55 19.04 13.90
C THR A 78 16.14 19.58 14.07
N TYR A 79 15.70 20.38 13.11
CA TYR A 79 14.31 20.86 13.11
C TYR A 79 13.71 20.93 11.69
N ARG A 80 12.40 20.71 11.64
CA ARG A 80 11.62 20.66 10.42
C ARG A 80 10.72 21.87 10.38
N VAL A 81 10.71 22.57 9.26
CA VAL A 81 9.94 23.78 9.15
C VAL A 81 8.96 23.55 8.01
N VAL A 82 7.68 23.75 8.27
CA VAL A 82 6.69 23.44 7.27
C VAL A 82 5.98 24.68 6.77
N SER A 83 6.00 24.85 5.45
CA SER A 83 5.28 25.93 4.79
C SER A 83 4.08 25.35 4.05
N VAL A 84 2.91 25.94 4.31
CA VAL A 84 1.63 25.51 3.71
C VAL A 84 1.08 26.52 2.70
N LEU A 85 0.91 26.07 1.46
CA LEU A 85 0.35 26.88 0.41
C LEU A 85 -1.05 26.42 0.05
N THR A 86 -2.03 27.32 0.16
CA THR A 86 -3.36 27.03 -0.36
C THR A 86 -3.34 27.13 -1.88
N VAL A 87 -3.92 26.15 -2.56
CA VAL A 87 -3.92 26.15 -4.02
C VAL A 87 -5.34 26.40 -4.47
N LEU A 88 -5.50 27.04 -5.62
CA LEU A 88 -6.81 27.25 -6.23
C LEU A 88 -7.31 25.91 -6.77
N HIS A 89 -8.57 25.63 -6.55
CA HIS A 89 -9.17 24.40 -7.03
C HIS A 89 -8.90 24.12 -8.49
N GLN A 90 -9.12 25.11 -9.33
CA GLN A 90 -9.01 24.94 -10.78
C GLN A 90 -7.58 24.69 -11.15
N ASP A 91 -6.66 25.34 -10.45
CA ASP A 91 -5.25 25.22 -10.76
C ASP A 91 -4.76 23.82 -10.49
N TRP A 92 -5.06 23.29 -9.31
CA TRP A 92 -4.66 21.93 -9.02
C TRP A 92 -5.25 20.97 -10.06
N LEU A 93 -6.54 21.09 -10.32
CA LEU A 93 -7.22 20.21 -11.26
C LEU A 93 -6.77 20.35 -12.71
N ASN A 94 -6.24 21.52 -13.06
CA ASN A 94 -5.71 21.72 -14.41
C ASN A 94 -4.25 21.31 -14.55
N GLY A 95 -3.66 20.76 -13.50
CA GLY A 95 -2.31 20.24 -13.58
C GLY A 95 -1.17 21.24 -13.40
N LYS A 96 -1.43 22.37 -12.74
CA LYS A 96 -0.35 23.33 -12.48
C LYS A 96 0.64 22.71 -11.54
N GLU A 97 1.85 23.22 -11.59
CA GLU A 97 2.96 22.63 -10.92
C GLU A 97 3.36 23.55 -9.78
N TYR A 98 3.37 23.00 -8.56
CA TYR A 98 3.73 23.78 -7.38
C TYR A 98 5.12 23.45 -6.99
N LYS A 99 5.97 24.49 -6.99
CA LYS A 99 7.35 24.33 -6.61
C LYS A 99 7.65 25.00 -5.28
N CYS A 100 8.21 24.21 -4.38
CA CYS A 100 8.82 24.70 -3.16
C CYS A 100 10.35 24.77 -3.34
N LYS A 101 10.90 25.97 -3.18
CA LYS A 101 12.34 26.19 -3.21
C LYS A 101 12.81 26.57 -1.82
N VAL A 102 13.67 25.75 -1.25
CA VAL A 102 14.15 25.95 0.10
C VAL A 102 15.61 26.41 0.10
N SER A 103 15.88 27.48 0.83
CA SER A 103 17.22 28.04 0.96
C SER A 103 17.68 27.95 2.40
N ASN A 104 18.94 27.54 2.55
CA ASN A 104 19.59 27.38 3.85
C ASN A 104 21.12 27.38 3.69
N LYS A 105 21.83 27.96 4.65
CA LYS A 105 23.29 28.13 4.53
C LYS A 105 24.08 26.82 4.47
N ALA A 106 23.53 25.74 5.03
CA ALA A 106 24.22 24.45 5.03
C ALA A 106 24.13 23.74 3.68
N LEU A 107 23.41 24.32 2.72
CA LEU A 107 23.25 23.72 1.40
C LEU A 107 24.21 24.32 0.36
N PRO A 108 24.63 23.51 -0.64
CA PRO A 108 25.45 24.02 -1.75
C PRO A 108 24.66 25.01 -2.61
N ALA A 109 23.45 24.60 -3.00
CA ALA A 109 22.50 25.47 -3.66
C ALA A 109 21.11 25.22 -3.08
N PRO A 110 20.19 26.18 -3.26
CA PRO A 110 18.81 25.96 -2.87
C PRO A 110 18.25 24.63 -3.37
N ILE A 111 17.41 23.97 -2.57
CA ILE A 111 16.76 22.71 -2.98
C ILE A 111 15.35 22.99 -3.49
N GLU A 112 14.97 22.32 -4.58
CA GLU A 112 13.66 22.51 -5.20
C GLU A 112 12.91 21.21 -5.40
N LYS A 113 11.68 21.16 -4.91
CA LYS A 113 10.76 20.06 -5.18
C LYS A 113 9.53 20.60 -5.87
N THR A 114 8.98 19.77 -6.75
CA THR A 114 7.87 20.16 -7.57
C THR A 114 6.82 19.06 -7.50
N ILE A 115 5.56 19.45 -7.41
CA ILE A 115 4.46 18.51 -7.29
C ILE A 115 3.31 19.03 -8.12
N SER A 116 2.51 18.11 -8.64
CA SER A 116 1.28 18.42 -9.32
C SER A 116 0.35 17.24 -9.25
N LYS A 117 -0.82 17.38 -9.84
CA LYS A 117 -1.69 16.27 -10.09
C LYS A 117 -1.03 15.41 -11.18
N ALA A 118 -1.33 14.12 -11.20
CA ALA A 118 -0.81 13.23 -12.23
C ALA A 118 -1.26 13.67 -13.63
N LYS A 119 -0.35 13.55 -14.57
CA LYS A 119 -0.58 14.08 -15.90
C LYS A 119 -1.37 13.06 -16.70
N GLY A 120 -2.34 13.53 -17.47
CA GLY A 120 -2.98 12.67 -18.47
C GLY A 120 -4.48 12.84 -18.49
N GLN A 121 -5.13 12.25 -19.50
CA GLN A 121 -6.59 12.33 -19.63
C GLN A 121 -7.32 11.67 -18.48
N PRO A 122 -8.14 12.44 -17.74
CA PRO A 122 -8.89 11.82 -16.66
C PRO A 122 -9.85 10.77 -17.17
N ARG A 123 -10.11 9.75 -16.36
CA ARG A 123 -11.07 8.72 -16.71
C ARG A 123 -11.95 8.49 -15.52
N GLU A 124 -13.23 8.33 -15.84
CA GLU A 124 -14.30 8.21 -14.88
C GLU A 124 -14.33 6.81 -14.27
N PRO A 125 -14.44 6.70 -12.94
CA PRO A 125 -14.62 5.40 -12.36
C PRO A 125 -15.97 4.77 -12.72
N GLN A 126 -15.96 3.47 -12.91
CA GLN A 126 -17.18 2.67 -12.97
C GLN A 126 -17.32 2.08 -11.59
N VAL A 127 -18.51 2.17 -10.99
CA VAL A 127 -18.75 1.67 -9.63
C VAL A 127 -19.77 0.55 -9.63
N TYR A 128 -19.42 -0.60 -9.07
CA TYR A 128 -20.33 -1.75 -8.97
C TYR A 128 -20.42 -2.23 -7.53
N THR A 129 -21.64 -2.52 -7.07
CA THR A 129 -21.87 -3.11 -5.75
C THR A 129 -22.02 -4.60 -5.88
N LEU A 130 -21.44 -5.36 -4.95
CA LEU A 130 -21.58 -6.82 -4.90
C LEU A 130 -22.03 -7.26 -3.50
N PRO A 131 -23.04 -8.14 -3.43
CA PRO A 131 -23.54 -8.62 -2.16
C PRO A 131 -22.67 -9.74 -1.61
N PRO A 132 -22.88 -10.12 -0.33
CA PRO A 132 -22.12 -11.23 0.27
C PRO A 132 -22.26 -12.50 -0.54
N SER A 133 -21.26 -13.36 -0.50
CA SER A 133 -21.38 -14.68 -1.11
C SER A 133 -22.27 -15.56 -0.22
N ARG A 134 -22.87 -16.59 -0.82
CA ARG A 134 -23.71 -17.51 -0.06
C ARG A 134 -22.94 -18.08 1.14
N GLU A 135 -21.70 -18.52 0.92
CA GLU A 135 -20.91 -19.13 2.00
C GLU A 135 -20.74 -18.17 3.16
N GLU A 136 -20.61 -16.88 2.86
CA GLU A 136 -20.42 -15.91 3.93
C GLU A 136 -21.69 -15.74 4.75
N MET A 137 -22.83 -16.01 4.12
CA MET A 137 -24.13 -15.88 4.80
C MET A 137 -24.24 -16.73 6.06
N THR A 138 -23.54 -17.86 6.09
CA THR A 138 -23.52 -18.72 7.28
C THR A 138 -22.85 -18.02 8.48
N LYS A 139 -22.11 -16.94 8.24
CA LYS A 139 -21.43 -16.23 9.31
C LYS A 139 -22.38 -15.29 10.04
N ASN A 140 -21.87 -14.76 11.15
CA ASN A 140 -22.57 -13.77 11.95
C ASN A 140 -22.55 -12.39 11.30
N GLN A 141 -21.38 -11.97 10.81
CA GLN A 141 -21.23 -10.72 10.09
C GLN A 141 -20.93 -11.00 8.63
N VAL A 142 -21.40 -10.12 7.76
CA VAL A 142 -21.18 -10.27 6.32
C VAL A 142 -20.50 -9.03 5.73
N SER A 143 -20.05 -9.18 4.50
CA SER A 143 -19.26 -8.15 3.83
C SER A 143 -20.01 -7.64 2.61
N LEU A 144 -20.20 -6.32 2.55
CA LEU A 144 -20.72 -5.71 1.35
C LEU A 144 -19.55 -5.08 0.61
N THR A 145 -19.49 -5.32 -0.70
CA THR A 145 -18.34 -5.00 -1.49
C THR A 145 -18.65 -3.94 -2.52
N CYS A 146 -17.78 -2.95 -2.62
CA CYS A 146 -17.87 -1.93 -3.65
C CYS A 146 -16.63 -2.01 -4.55
N LEU A 147 -16.82 -2.36 -5.81
CA LEU A 147 -15.74 -2.36 -6.80
C LEU A 147 -15.74 -1.04 -7.54
N VAL A 148 -14.62 -0.34 -7.50
CA VAL A 148 -14.47 0.93 -8.23
C VAL A 148 -13.34 0.78 -9.23
N LYS A 149 -13.62 0.86 -10.52
CA LYS A 149 -12.56 0.63 -11.50
C LYS A 149 -12.52 1.57 -12.67
N GLY A 150 -11.41 1.53 -13.38
CA GLY A 150 -11.23 2.34 -14.60
C GLY A 150 -11.00 3.82 -14.38
N PHE A 151 -10.55 4.22 -13.20
CA PHE A 151 -10.35 5.63 -12.94
C PHE A 151 -8.92 6.12 -13.11
N TYR A 152 -8.79 7.37 -13.51
CA TYR A 152 -7.50 8.04 -13.60
C TYR A 152 -7.76 9.51 -13.45
N PRO A 153 -6.92 10.20 -12.67
CA PRO A 153 -5.85 9.71 -11.80
C PRO A 153 -6.35 8.92 -10.59
N SER A 154 -5.43 8.51 -9.72
CA SER A 154 -5.74 7.58 -8.62
C SER A 154 -6.36 8.27 -7.42
N ASP A 155 -6.37 9.60 -7.42
CA ASP A 155 -7.00 10.40 -6.36
C ASP A 155 -8.49 10.17 -6.32
N ILE A 156 -8.97 9.73 -5.18
CA ILE A 156 -10.33 9.28 -5.06
C ILE A 156 -10.66 9.18 -3.58
N ALA A 157 -11.93 9.26 -3.24
CA ALA A 157 -12.39 9.02 -1.87
C ALA A 157 -13.63 8.17 -1.96
N VAL A 158 -13.77 7.21 -1.06
CA VAL A 158 -14.90 6.30 -1.05
C VAL A 158 -15.49 6.24 0.36
N GLU A 159 -16.81 6.24 0.47
CA GLU A 159 -17.49 6.14 1.75
C GLU A 159 -18.73 5.30 1.59
N TRP A 160 -19.34 4.95 2.72
CA TRP A 160 -20.60 4.22 2.72
C TRP A 160 -21.67 4.96 3.53
N GLU A 161 -22.92 4.83 3.08
CA GLU A 161 -24.08 5.40 3.77
C GLU A 161 -25.21 4.38 3.89
N SER A 162 -26.02 4.52 4.93
CA SER A 162 -27.27 3.79 5.05
C SER A 162 -28.31 4.65 5.78
N ASN A 163 -29.53 4.70 5.27
CA ASN A 163 -30.59 5.54 5.86
C ASN A 163 -30.14 6.99 6.05
N GLY A 164 -29.63 7.63 5.00
CA GLY A 164 -29.15 9.01 5.08
C GLY A 164 -28.13 9.28 6.17
N GLN A 165 -27.39 8.25 6.55
CA GLN A 165 -26.46 8.26 7.66
C GLN A 165 -25.11 7.64 7.25
N PRO A 166 -24.00 8.21 7.73
CA PRO A 166 -22.69 7.67 7.36
C PRO A 166 -22.45 6.31 8.02
N GLU A 167 -22.23 5.29 7.21
CA GLU A 167 -21.85 3.97 7.72
C GLU A 167 -20.33 3.92 7.83
N ASN A 168 -19.79 3.58 9.00
CA ASN A 168 -18.34 3.70 9.23
C ASN A 168 -17.55 2.40 9.51
N ASN A 169 -18.17 1.23 9.34
CA ASN A 169 -17.44 -0.02 9.52
C ASN A 169 -16.95 -0.54 8.16
N TYR A 170 -16.16 0.27 7.49
CA TYR A 170 -15.61 -0.09 6.20
C TYR A 170 -14.11 0.09 6.19
N LYS A 171 -13.47 -0.65 5.30
CA LYS A 171 -12.06 -0.48 4.99
C LYS A 171 -11.95 -0.53 3.49
N THR A 172 -11.04 0.27 2.95
CA THR A 172 -10.87 0.36 1.51
C THR A 172 -9.44 0.08 1.13
N THR A 173 -9.25 -0.70 0.07
CA THR A 173 -7.91 -1.01 -0.41
C THR A 173 -7.34 0.22 -1.04
N PRO A 174 -6.01 0.32 -1.09
CA PRO A 174 -5.46 1.39 -1.88
C PRO A 174 -5.72 1.17 -3.36
N PRO A 175 -5.57 2.23 -4.17
CA PRO A 175 -5.76 2.04 -5.61
C PRO A 175 -4.74 1.08 -6.14
N VAL A 176 -5.12 0.23 -7.08
CA VAL A 176 -4.17 -0.68 -7.72
C VAL A 176 -4.16 -0.38 -9.20
N LEU A 177 -2.96 -0.43 -9.77
CA LEU A 177 -2.74 -0.11 -11.15
C LEU A 177 -3.24 -1.25 -12.02
N ASP A 178 -4.10 -0.93 -12.99
CA ASP A 178 -4.60 -1.92 -13.92
C ASP A 178 -3.75 -1.89 -15.19
N SER A 179 -3.99 -2.85 -16.08
CA SER A 179 -3.15 -3.05 -17.25
C SER A 179 -3.23 -1.94 -18.28
N ASP A 180 -4.33 -1.21 -18.30
CA ASP A 180 -4.47 -0.09 -19.24
C ASP A 180 -3.97 1.23 -18.66
N GLY A 181 -3.35 1.19 -17.49
CA GLY A 181 -2.89 2.40 -16.83
C GLY A 181 -3.90 3.12 -15.96
N SER A 182 -5.15 2.66 -15.96
CA SER A 182 -6.15 3.16 -15.03
C SER A 182 -6.04 2.40 -13.72
N PHE A 183 -6.86 2.78 -12.74
CA PHE A 183 -6.80 2.22 -11.40
C PHE A 183 -8.11 1.55 -10.99
N PHE A 184 -8.01 0.61 -10.06
CA PHE A 184 -9.17 0.07 -9.36
C PHE A 184 -8.95 -0.03 -7.88
N LEU A 185 -10.05 -0.16 -7.16
CA LEU A 185 -10.01 -0.52 -5.75
C LEU A 185 -11.30 -1.22 -5.34
N TYR A 186 -11.27 -1.76 -4.14
CA TYR A 186 -12.44 -2.32 -3.53
C TYR A 186 -12.63 -1.70 -2.15
N SER A 187 -13.88 -1.52 -1.75
CA SER A 187 -14.19 -1.12 -0.39
C SER A 187 -15.10 -2.18 0.18
N LYS A 188 -14.85 -2.54 1.43
CA LYS A 188 -15.60 -3.56 2.12
C LYS A 188 -16.28 -2.91 3.31
N LEU A 189 -17.60 -3.05 3.39
CA LEU A 189 -18.36 -2.65 4.56
C LEU A 189 -18.79 -3.89 5.33
N THR A 190 -18.55 -3.90 6.63
CA THR A 190 -18.91 -5.01 7.48
C THR A 190 -20.21 -4.70 8.20
N VAL A 191 -21.18 -5.60 8.10
CA VAL A 191 -22.44 -5.46 8.83
C VAL A 191 -22.92 -6.78 9.42
N ASP A 192 -23.78 -6.69 10.44
CA ASP A 192 -24.42 -7.88 11.01
C ASP A 192 -25.31 -8.53 9.98
N LYS A 193 -25.29 -9.86 9.93
CA LYS A 193 -26.08 -10.61 8.97
C LYS A 193 -27.55 -10.26 9.08
N SER A 194 -28.07 -10.25 10.31
CA SER A 194 -29.49 -9.97 10.57
C SER A 194 -29.93 -8.62 10.04
N ARG A 195 -29.02 -7.65 10.04
CA ARG A 195 -29.28 -6.31 9.51
C ARG A 195 -29.34 -6.31 7.97
N TRP A 196 -28.39 -6.97 7.32
CA TRP A 196 -28.42 -7.13 5.86
C TRP A 196 -29.74 -7.78 5.46
N GLN A 197 -30.06 -8.89 6.15
CA GLN A 197 -31.38 -9.50 6.10
C GLN A 197 -32.41 -8.50 6.58
N GLN A 198 -33.59 -8.50 5.97
CA GLN A 198 -34.65 -7.50 6.21
C GLN A 198 -34.58 -6.32 5.21
N GLY A 199 -33.68 -6.39 4.24
CA GLY A 199 -33.75 -5.55 3.05
C GLY A 199 -33.42 -4.08 3.21
N ASN A 200 -32.54 -3.75 4.15
CA ASN A 200 -32.02 -2.37 4.26
C ASN A 200 -31.19 -1.98 3.04
N VAL A 201 -31.27 -0.71 2.65
CA VAL A 201 -30.42 -0.20 1.56
C VAL A 201 -29.11 0.33 2.13
N PHE A 202 -27.99 -0.13 1.54
CA PHE A 202 -26.67 0.41 1.85
C PHE A 202 -26.11 1.02 0.61
N SER A 203 -25.33 2.08 0.78
CA SER A 203 -24.81 2.80 -0.38
C SER A 203 -23.32 3.07 -0.33
N CYS A 204 -22.73 2.98 -1.50
CA CYS A 204 -21.33 3.24 -1.71
C CYS A 204 -21.24 4.54 -2.49
N SER A 205 -20.56 5.55 -1.95
CA SER A 205 -20.39 6.83 -2.65
C SER A 205 -18.92 7.08 -3.00
N VAL A 206 -18.70 7.65 -4.17
CA VAL A 206 -17.36 7.85 -4.70
C VAL A 206 -17.21 9.29 -5.20
N MET A 207 -16.14 9.94 -4.77
CA MET A 207 -15.82 11.28 -5.21
C MET A 207 -14.55 11.22 -6.08
N HIS A 208 -14.63 11.76 -7.29
CA HIS A 208 -13.51 11.69 -8.23
C HIS A 208 -13.66 12.82 -9.24
N GLU A 209 -12.55 13.38 -9.70
CA GLU A 209 -12.59 14.58 -10.52
C GLU A 209 -13.35 14.38 -11.84
N ALA A 210 -13.38 13.16 -12.35
CA ALA A 210 -13.98 12.90 -13.65
C ALA A 210 -15.47 12.62 -13.60
N LEU A 211 -16.04 12.36 -12.43
CA LEU A 211 -17.49 12.20 -12.28
C LEU A 211 -18.21 13.55 -12.42
N HIS A 212 -19.42 13.50 -12.93
CA HIS A 212 -20.29 14.67 -12.95
C HIS A 212 -20.63 15.06 -11.51
N ASN A 213 -20.45 16.34 -11.21
CA ASN A 213 -20.50 16.84 -9.82
C ASN A 213 -19.48 16.18 -8.89
N HIS A 214 -18.42 15.61 -9.48
CA HIS A 214 -17.39 14.92 -8.73
C HIS A 214 -17.91 13.89 -7.75
N TYR A 215 -19.06 13.29 -8.04
CA TYR A 215 -19.71 12.42 -7.08
C TYR A 215 -20.68 11.47 -7.76
N THR A 216 -20.66 10.22 -7.35
CA THR A 216 -21.66 9.26 -7.77
C THR A 216 -21.92 8.33 -6.60
N GLN A 217 -23.03 7.62 -6.68
CA GLN A 217 -23.46 6.78 -5.59
C GLN A 217 -24.13 5.55 -6.16
N LYS A 218 -23.90 4.40 -5.52
CA LYS A 218 -24.58 3.18 -5.89
C LYS A 218 -25.10 2.52 -4.65
N SER A 219 -26.13 1.71 -4.82
CA SER A 219 -26.83 1.13 -3.71
C SER A 219 -26.94 -0.34 -3.85
N LEU A 220 -27.17 -0.98 -2.71
CA LEU A 220 -27.16 -2.41 -2.57
C LEU A 220 -28.18 -2.77 -1.52
N SER A 221 -28.99 -3.78 -1.79
CA SER A 221 -30.00 -4.22 -0.85
C SER A 221 -30.35 -5.69 -1.06
N LEU A 222 -30.82 -6.35 -0.01
CA LEU A 222 -31.16 -7.76 -0.08
C LEU A 222 -32.17 -8.06 -1.19
N SER A 223 -31.97 -9.18 -1.88
CA SER A 223 -32.90 -9.66 -2.92
C SER A 223 -33.58 -10.99 -2.56
N GLY B 15 25.17 11.05 13.28
CA GLY B 15 26.17 10.87 12.18
C GLY B 15 26.97 9.60 12.35
N GLY B 16 26.34 8.47 12.04
CA GLY B 16 27.00 7.16 12.06
C GLY B 16 26.25 6.20 11.14
N PRO B 17 26.76 4.99 10.99
CA PRO B 17 26.04 4.13 10.05
C PRO B 17 24.71 3.62 10.61
N SER B 18 23.76 3.36 9.71
CA SER B 18 22.44 2.86 10.11
C SER B 18 22.19 1.47 9.53
N VAL B 19 21.46 0.65 10.29
CA VAL B 19 21.13 -0.73 9.89
C VAL B 19 19.64 -0.97 9.75
N PHE B 20 19.29 -1.61 8.64
CA PHE B 20 17.95 -2.05 8.35
C PHE B 20 17.91 -3.51 7.93
N LEU B 21 16.91 -4.23 8.45
CA LEU B 21 16.86 -5.69 8.27
C LEU B 21 15.54 -6.08 7.61
N PHE B 22 15.59 -6.74 6.43
CA PHE B 22 14.35 -7.01 5.69
C PHE B 22 13.98 -8.51 5.66
N PRO B 23 12.68 -8.80 5.72
CA PRO B 23 12.20 -10.15 5.69
C PRO B 23 12.14 -10.67 4.27
N PRO B 24 11.90 -11.95 4.12
CA PRO B 24 11.76 -12.48 2.75
C PRO B 24 10.39 -12.12 2.13
N LYS B 25 10.28 -12.25 0.82
CA LYS B 25 9.03 -11.98 0.14
C LYS B 25 8.04 -13.06 0.48
N PRO B 26 6.77 -12.67 0.66
CA PRO B 26 5.72 -13.62 1.01
C PRO B 26 5.71 -14.89 0.19
N LYS B 27 5.73 -14.77 -1.14
CA LYS B 27 5.73 -15.95 -2.01
C LYS B 27 6.92 -16.87 -1.78
N ASP B 28 8.08 -16.31 -1.47
CA ASP B 28 9.28 -17.11 -1.29
C ASP B 28 9.13 -17.99 -0.08
N THR B 29 8.46 -17.51 0.96
CA THR B 29 8.23 -18.30 2.15
C THR B 29 7.21 -19.42 1.93
N LEU B 30 6.30 -19.24 0.98
CA LEU B 30 5.23 -20.18 0.79
C LEU B 30 5.47 -21.22 -0.28
N MET B 31 6.41 -20.98 -1.20
CA MET B 31 6.65 -21.93 -2.29
C MET B 31 7.96 -22.68 -2.07
N ILE B 32 7.87 -24.01 -2.00
CA ILE B 32 9.02 -24.86 -1.83
C ILE B 32 10.09 -24.70 -2.89
N SER B 33 9.70 -24.21 -4.06
CA SER B 33 10.62 -24.09 -5.19
C SER B 33 11.37 -22.76 -5.19
N ARG B 34 11.05 -21.88 -4.26
CA ARG B 34 11.72 -20.58 -4.20
CA ARG B 34 11.62 -20.52 -4.15
C ARG B 34 12.58 -20.41 -2.97
N THR B 35 13.35 -19.33 -2.94
CA THR B 35 14.46 -19.13 -2.01
C THR B 35 14.17 -17.95 -1.11
N PRO B 36 13.64 -18.21 0.09
CA PRO B 36 13.42 -17.11 1.03
C PRO B 36 14.73 -16.59 1.64
N GLU B 37 14.90 -15.28 1.61
CA GLU B 37 16.13 -14.65 2.10
C GLU B 37 15.85 -13.48 3.02
N VAL B 38 16.69 -13.34 4.04
CA VAL B 38 16.65 -12.17 4.91
CA VAL B 38 16.64 -12.15 4.89
C VAL B 38 17.82 -11.29 4.52
N THR B 39 17.60 -9.99 4.50
CA THR B 39 18.57 -9.03 3.99
C THR B 39 18.89 -7.93 4.99
N CYS B 40 20.17 -7.85 5.34
CA CYS B 40 20.68 -6.89 6.27
C CYS B 40 21.41 -5.81 5.50
N VAL B 41 20.93 -4.58 5.63
CA VAL B 41 21.48 -3.44 4.89
C VAL B 41 22.03 -2.37 5.81
N VAL B 42 23.27 -1.98 5.51
CA VAL B 42 23.98 -0.96 6.24
C VAL B 42 24.21 0.25 5.37
N VAL B 43 23.77 1.41 5.87
CA VAL B 43 23.93 2.65 5.10
C VAL B 43 24.71 3.70 5.87
N ASP B 44 25.16 4.74 5.14
CA ASP B 44 25.85 5.88 5.81
C ASP B 44 27.21 5.45 6.36
N VAL B 45 27.87 4.60 5.61
CA VAL B 45 29.18 4.14 5.96
C VAL B 45 30.14 5.13 5.29
N SER B 46 31.11 5.63 6.05
CA SER B 46 31.97 6.71 5.61
C SER B 46 33.22 6.22 4.84
N HIS B 47 33.98 7.18 4.32
CA HIS B 47 35.29 6.88 3.80
C HIS B 47 36.29 6.57 4.91
N GLU B 48 36.22 7.30 6.00
CA GLU B 48 37.18 7.16 7.09
CA GLU B 48 37.19 7.14 7.11
C GLU B 48 37.03 5.79 7.83
N ASP B 49 35.83 5.23 7.86
CA ASP B 49 35.60 3.89 8.45
C ASP B 49 34.74 3.06 7.53
N PRO B 50 35.30 2.64 6.40
CA PRO B 50 34.51 2.01 5.38
C PRO B 50 34.22 0.52 5.66
N GLU B 51 34.94 -0.08 6.59
CA GLU B 51 34.89 -1.52 6.75
C GLU B 51 33.71 -1.92 7.65
N VAL B 52 32.85 -2.78 7.15
CA VAL B 52 31.75 -3.36 7.89
C VAL B 52 31.88 -4.88 8.02
N LYS B 53 31.66 -5.37 9.22
CA LYS B 53 31.70 -6.80 9.49
C LYS B 53 30.30 -7.27 9.92
N PHE B 54 29.84 -8.38 9.31
CA PHE B 54 28.54 -8.97 9.68
C PHE B 54 28.71 -10.26 10.45
N ASN B 55 27.97 -10.40 11.53
CA ASN B 55 27.73 -11.69 12.17
C ASN B 55 26.25 -11.99 12.20
N TRP B 56 25.87 -13.21 11.80
CA TRP B 56 24.49 -13.64 11.76
C TRP B 56 24.19 -14.72 12.78
N TYR B 57 23.02 -14.63 13.41
CA TYR B 57 22.59 -15.62 14.40
C TYR B 57 21.15 -16.07 14.14
N VAL B 58 20.93 -17.38 14.32
CA VAL B 58 19.62 -18.01 14.15
C VAL B 58 19.27 -18.57 15.51
N ASP B 59 18.29 -17.95 16.16
CA ASP B 59 17.99 -18.22 17.56
C ASP B 59 19.30 -18.29 18.36
N GLY B 60 20.10 -17.22 18.27
CA GLY B 60 21.32 -17.07 19.09
C GLY B 60 22.52 -17.91 18.69
N VAL B 61 22.37 -18.79 17.73
CA VAL B 61 23.48 -19.63 17.29
C VAL B 61 24.08 -19.02 16.05
N GLU B 62 25.38 -18.80 16.06
CA GLU B 62 26.02 -18.14 14.92
C GLU B 62 26.07 -19.06 13.71
N VAL B 63 25.82 -18.51 12.51
CA VAL B 63 25.89 -19.25 11.25
C VAL B 63 26.86 -18.52 10.33
N HIS B 64 27.45 -19.25 9.37
CA HIS B 64 28.55 -18.73 8.59
C HIS B 64 28.31 -18.81 7.10
N ASN B 65 27.06 -18.84 6.70
CA ASN B 65 26.76 -19.08 5.30
C ASN B 65 25.97 -17.94 4.62
N ALA B 66 25.98 -16.75 5.21
CA ALA B 66 25.45 -15.57 4.54
C ALA B 66 26.28 -15.23 3.31
N LYS B 67 25.66 -14.62 2.32
CA LYS B 67 26.40 -14.07 1.17
C LYS B 67 26.47 -12.55 1.32
N THR B 68 27.66 -12.09 1.69
CA THR B 68 27.92 -10.68 1.83
C THR B 68 28.47 -10.08 0.53
N LYS B 69 27.87 -8.98 0.12
CA LYS B 69 28.27 -8.28 -1.10
C LYS B 69 29.33 -7.23 -0.82
N PRO B 70 30.13 -6.90 -1.83
CA PRO B 70 31.07 -5.81 -1.69
C PRO B 70 30.38 -4.46 -1.46
N ARG B 71 31.05 -3.60 -0.72
CA ARG B 71 30.64 -2.20 -0.55
C ARG B 71 30.38 -1.53 -1.91
N GLU B 72 29.36 -0.66 -1.96
CA GLU B 72 29.06 0.10 -3.20
C GLU B 72 28.89 1.56 -2.84
N GLU B 73 29.62 2.42 -3.53
CA GLU B 73 29.54 3.86 -3.26
C GLU B 73 28.23 4.36 -3.83
N GLN B 74 27.44 4.99 -2.97
CA GLN B 74 26.17 5.58 -3.34
C GLN B 74 26.41 6.97 -3.92
N TYR B 75 25.44 7.48 -4.68
CA TYR B 75 25.56 8.85 -5.24
C TYR B 75 25.67 9.97 -4.21
N ASN B 76 25.21 9.79 -2.98
CA ASN B 76 25.43 10.77 -1.92
C ASN B 76 26.78 10.59 -1.16
N SER B 77 27.74 9.89 -1.75
CA SER B 77 29.08 9.78 -1.15
C SER B 77 29.23 9.06 0.23
N THR B 78 28.32 8.11 0.47
CA THR B 78 28.49 7.08 1.44
C THR B 78 28.45 5.68 0.79
N TYR B 79 29.02 4.70 1.49
CA TYR B 79 28.82 3.29 1.15
C TYR B 79 27.54 2.67 1.69
N ARG B 80 27.04 1.72 0.90
CA ARG B 80 25.98 0.80 1.28
C ARG B 80 26.57 -0.61 1.20
N VAL B 81 26.36 -1.40 2.23
CA VAL B 81 26.86 -2.77 2.31
C VAL B 81 25.74 -3.71 2.70
N VAL B 82 25.56 -4.78 1.96
N VAL B 82 25.61 -4.82 1.97
CA VAL B 82 24.45 -5.70 2.24
CA VAL B 82 24.50 -5.74 2.18
C VAL B 82 24.90 -7.15 2.40
C VAL B 82 24.98 -7.16 2.46
N SER B 83 24.31 -7.81 3.40
CA SER B 83 24.49 -9.23 3.61
C SER B 83 23.15 -9.95 3.51
N VAL B 84 23.13 -11.00 2.69
CA VAL B 84 21.97 -11.82 2.45
C VAL B 84 22.07 -13.24 3.07
N LEU B 85 21.16 -13.56 3.99
CA LEU B 85 21.08 -14.90 4.56
C LEU B 85 19.88 -15.69 4.03
N THR B 86 20.12 -16.85 3.44
CA THR B 86 19.03 -17.73 3.07
C THR B 86 18.49 -18.40 4.33
N VAL B 87 17.18 -18.42 4.49
CA VAL B 87 16.56 -19.05 5.62
C VAL B 87 15.83 -20.30 5.15
N LEU B 88 15.83 -21.33 5.97
CA LEU B 88 15.09 -22.54 5.64
C LEU B 88 13.61 -22.23 5.77
N HIS B 89 12.82 -22.74 4.83
CA HIS B 89 11.35 -22.53 4.85
C HIS B 89 10.71 -22.85 6.18
N GLN B 90 11.05 -23.99 6.76
CA GLN B 90 10.43 -24.46 7.98
C GLN B 90 10.88 -23.62 9.17
N ASP B 91 12.11 -23.13 9.14
CA ASP B 91 12.64 -22.30 10.23
C ASP B 91 11.93 -20.97 10.25
N TRP B 92 11.83 -20.32 9.12
CA TRP B 92 11.09 -19.06 9.10
C TRP B 92 9.66 -19.29 9.60
N LEU B 93 9.00 -20.30 9.06
CA LEU B 93 7.60 -20.57 9.44
C LEU B 93 7.40 -21.03 10.89
N ASN B 94 8.44 -21.57 11.52
CA ASN B 94 8.39 -21.91 12.95
C ASN B 94 8.80 -20.79 13.87
N GLY B 95 9.05 -19.60 13.33
CA GLY B 95 9.26 -18.43 14.15
C GLY B 95 10.67 -18.25 14.67
N LYS B 96 11.66 -18.84 14.01
CA LYS B 96 13.04 -18.61 14.42
C LYS B 96 13.39 -17.16 14.20
N GLU B 97 14.39 -16.70 14.91
CA GLU B 97 14.71 -15.29 15.01
C GLU B 97 16.06 -15.07 14.40
N TYR B 98 16.12 -14.22 13.37
CA TYR B 98 17.37 -13.96 12.65
C TYR B 98 17.97 -12.64 13.08
N LYS B 99 19.18 -12.71 13.61
CA LYS B 99 19.89 -11.52 14.04
C LYS B 99 21.08 -11.17 13.17
N CYS B 100 21.08 -9.92 12.69
CA CYS B 100 22.22 -9.30 12.05
C CYS B 100 22.93 -8.38 13.04
N LYS B 101 24.20 -8.68 13.29
CA LYS B 101 25.03 -7.84 14.13
C LYS B 101 26.09 -7.18 13.26
N VAL B 102 26.07 -5.84 13.23
CA VAL B 102 26.97 -5.07 12.38
C VAL B 102 28.03 -4.34 13.19
N SER B 103 29.27 -4.52 12.78
CA SER B 103 30.40 -3.90 13.42
C SER B 103 31.07 -2.96 12.44
N ASN B 104 31.43 -1.78 12.95
CA ASN B 104 32.11 -0.73 12.17
C ASN B 104 32.81 0.24 13.13
N LYS B 105 33.97 0.73 12.73
CA LYS B 105 34.79 1.53 13.65
C LYS B 105 34.17 2.88 14.07
N ALA B 106 33.26 3.41 13.27
CA ALA B 106 32.59 4.67 13.59
C ALA B 106 31.49 4.51 14.64
N LEU B 107 31.22 3.28 15.08
CA LEU B 107 30.18 3.02 16.07
C LEU B 107 30.78 2.87 17.47
N PRO B 108 30.04 3.31 18.50
CA PRO B 108 30.43 3.05 19.89
C PRO B 108 30.47 1.56 20.22
N ALA B 109 29.38 0.86 19.88
CA ALA B 109 29.31 -0.59 19.98
C ALA B 109 28.63 -1.14 18.73
N PRO B 110 28.84 -2.44 18.45
CA PRO B 110 28.11 -3.09 17.36
C PRO B 110 26.61 -2.84 17.40
N ILE B 111 25.98 -2.69 16.25
CA ILE B 111 24.52 -2.56 16.16
C ILE B 111 23.88 -3.91 15.85
N GLU B 112 22.75 -4.20 16.50
CA GLU B 112 22.03 -5.45 16.30
C GLU B 112 20.57 -5.24 15.97
N LYS B 113 20.12 -5.86 14.88
CA LYS B 113 18.72 -5.94 14.54
C LYS B 113 18.29 -7.43 14.47
N THR B 114 17.06 -7.68 14.86
CA THR B 114 16.52 -9.02 14.92
C THR B 114 15.17 -9.02 14.23
N ILE B 115 14.90 -10.06 13.46
CA ILE B 115 13.67 -10.16 12.73
C ILE B 115 13.19 -11.60 12.79
N SER B 116 11.87 -11.78 12.72
CA SER B 116 11.24 -13.09 12.58
C SER B 116 9.90 -12.91 11.91
N LYS B 117 9.18 -13.98 11.66
CA LYS B 117 7.83 -13.81 11.15
C LYS B 117 6.99 -13.12 12.22
N ALA B 118 5.85 -12.58 11.81
CA ALA B 118 5.00 -11.81 12.71
C ALA B 118 4.45 -12.66 13.88
N LYS B 119 4.39 -12.06 15.06
CA LYS B 119 4.15 -12.79 16.30
C LYS B 119 2.73 -13.21 16.67
N GLY B 120 1.73 -12.47 16.20
CA GLY B 120 0.35 -12.73 16.59
C GLY B 120 -0.18 -14.14 16.32
N GLN B 121 -1.35 -14.43 16.86
CA GLN B 121 -2.02 -15.69 16.62
C GLN B 121 -2.37 -15.85 15.14
N PRO B 122 -1.87 -16.92 14.49
CA PRO B 122 -2.18 -17.14 13.09
C PRO B 122 -3.67 -17.32 12.90
N ARG B 123 -4.16 -16.97 11.73
CA ARG B 123 -5.56 -17.10 11.44
C ARG B 123 -5.71 -17.45 9.99
N GLU B 124 -6.58 -18.42 9.76
CA GLU B 124 -6.84 -19.01 8.47
C GLU B 124 -7.69 -18.06 7.65
N PRO B 125 -7.31 -17.81 6.40
CA PRO B 125 -8.15 -17.00 5.56
C PRO B 125 -9.45 -17.68 5.22
N GLN B 126 -10.51 -16.89 5.17
CA GLN B 126 -11.79 -17.29 4.63
CA GLN B 126 -11.75 -17.35 4.61
C GLN B 126 -11.75 -16.76 3.20
N VAL B 127 -12.10 -17.59 2.23
CA VAL B 127 -12.08 -17.20 0.83
C VAL B 127 -13.48 -17.26 0.24
N TYR B 128 -13.95 -16.16 -0.34
CA TYR B 128 -15.26 -16.10 -1.00
C TYR B 128 -15.12 -15.59 -2.44
N THR B 129 -15.81 -16.24 -3.36
CA THR B 129 -15.88 -15.80 -4.75
C THR B 129 -17.15 -14.98 -4.96
N LEU B 130 -17.05 -13.89 -5.73
CA LEU B 130 -18.20 -13.08 -6.10
C LEU B 130 -18.25 -12.90 -7.61
N PRO B 131 -19.43 -13.07 -8.20
CA PRO B 131 -19.58 -12.89 -9.64
C PRO B 131 -19.72 -11.42 -10.02
N PRO B 132 -19.64 -11.10 -11.33
CA PRO B 132 -19.88 -9.74 -11.81
C PRO B 132 -21.22 -9.19 -11.37
N SER B 133 -21.32 -7.88 -11.21
CA SER B 133 -22.62 -7.26 -10.96
C SER B 133 -23.42 -7.21 -12.25
N ARG B 134 -24.74 -7.13 -12.11
CA ARG B 134 -25.61 -7.05 -13.27
C ARG B 134 -25.20 -5.90 -14.19
N GLU B 135 -24.94 -4.73 -13.62
CA GLU B 135 -24.58 -3.56 -14.42
C GLU B 135 -23.33 -3.80 -15.25
N GLU B 136 -22.39 -4.55 -14.68
CA GLU B 136 -21.16 -4.83 -15.40
C GLU B 136 -21.44 -5.75 -16.58
N MET B 137 -22.49 -6.56 -16.49
CA MET B 137 -22.82 -7.51 -17.55
C MET B 137 -23.03 -6.84 -18.90
N THR B 138 -23.52 -5.60 -18.88
CA THR B 138 -23.70 -4.84 -20.12
C THR B 138 -22.37 -4.55 -20.83
N LYS B 139 -21.25 -4.69 -20.14
CA LYS B 139 -19.93 -4.46 -20.73
C LYS B 139 -19.46 -5.64 -21.56
N ASN B 140 -18.37 -5.40 -22.28
CA ASN B 140 -17.69 -6.41 -23.07
C ASN B 140 -16.90 -7.39 -22.21
N GLN B 141 -16.16 -6.84 -21.24
CA GLN B 141 -15.37 -7.62 -20.31
C GLN B 141 -15.96 -7.48 -18.91
N VAL B 142 -15.88 -8.54 -18.13
CA VAL B 142 -16.41 -8.53 -16.77
C VAL B 142 -15.31 -8.90 -15.77
N SER B 143 -15.64 -8.68 -14.50
CA SER B 143 -14.69 -8.87 -13.41
C SER B 143 -15.16 -9.99 -12.49
N LEU B 144 -14.30 -10.96 -12.25
CA LEU B 144 -14.56 -11.96 -11.24
C LEU B 144 -13.74 -11.61 -10.03
N THR B 145 -14.39 -11.66 -8.87
CA THR B 145 -13.80 -11.13 -7.66
C THR B 145 -13.57 -12.23 -6.62
N CYS B 146 -12.38 -12.21 -6.02
CA CYS B 146 -12.07 -13.13 -4.94
C CYS B 146 -11.80 -12.32 -3.65
N LEU B 147 -12.66 -12.48 -2.66
CA LEU B 147 -12.47 -11.85 -1.36
C LEU B 147 -11.76 -12.83 -0.43
N VAL B 148 -10.60 -12.43 0.07
CA VAL B 148 -9.86 -13.25 1.02
C VAL B 148 -9.77 -12.47 2.33
N LYS B 149 -10.35 -12.98 3.40
CA LYS B 149 -10.34 -12.23 4.64
C LYS B 149 -10.06 -13.04 5.90
N GLY B 150 -9.79 -12.31 6.98
CA GLY B 150 -9.60 -12.91 8.27
C GLY B 150 -8.27 -13.60 8.46
N PHE B 151 -7.27 -13.27 7.65
CA PHE B 151 -6.01 -13.97 7.76
C PHE B 151 -4.96 -13.23 8.58
N TYR B 152 -4.11 -14.01 9.22
CA TYR B 152 -2.96 -13.50 9.91
C TYR B 152 -1.93 -14.60 9.91
N PRO B 153 -0.66 -14.27 9.67
CA PRO B 153 -0.12 -12.97 9.28
C PRO B 153 -0.50 -12.60 7.86
N SER B 154 0.03 -11.48 7.37
CA SER B 154 -0.40 -10.90 6.10
C SER B 154 0.27 -11.57 4.89
N ASP B 155 1.29 -12.37 5.15
CA ASP B 155 1.97 -13.11 4.10
C ASP B 155 1.00 -14.08 3.42
N ILE B 156 0.84 -13.93 2.11
CA ILE B 156 -0.15 -14.69 1.37
C ILE B 156 0.15 -14.59 -0.13
N ALA B 157 -0.31 -15.55 -0.91
CA ALA B 157 -0.21 -15.48 -2.38
C ALA B 157 -1.54 -15.94 -2.95
N VAL B 158 -1.99 -15.28 -4.01
CA VAL B 158 -3.28 -15.58 -4.62
C VAL B 158 -3.13 -15.74 -6.13
N GLU B 159 -3.81 -16.71 -6.71
CA GLU B 159 -3.75 -16.92 -8.16
C GLU B 159 -5.11 -17.36 -8.63
N TRP B 160 -5.29 -17.39 -9.95
CA TRP B 160 -6.50 -17.88 -10.56
C TRP B 160 -6.23 -19.01 -11.56
N GLU B 161 -7.17 -19.95 -11.63
CA GLU B 161 -7.08 -21.05 -12.58
C GLU B 161 -8.42 -21.24 -13.31
N SER B 162 -8.35 -21.76 -14.53
CA SER B 162 -9.54 -22.22 -15.23
C SER B 162 -9.16 -23.46 -16.01
N ASN B 163 -9.96 -24.52 -15.86
CA ASN B 163 -9.52 -25.90 -16.09
C ASN B 163 -8.31 -26.13 -15.16
N GLY B 164 -7.38 -27.00 -15.54
CA GLY B 164 -6.16 -27.14 -14.77
C GLY B 164 -5.31 -25.87 -14.77
N GLN B 165 -5.51 -24.97 -15.74
CA GLN B 165 -4.48 -24.00 -16.10
C GLN B 165 -4.52 -22.63 -15.45
N PRO B 166 -3.33 -22.02 -15.29
CA PRO B 166 -3.22 -20.70 -14.70
C PRO B 166 -3.85 -19.63 -15.56
N GLU B 167 -4.87 -18.96 -15.00
CA GLU B 167 -5.47 -17.77 -15.60
C GLU B 167 -4.64 -16.59 -15.14
N ASN B 168 -4.16 -15.77 -16.09
CA ASN B 168 -3.20 -14.71 -15.74
C ASN B 168 -3.66 -13.26 -15.95
N ASN B 169 -4.95 -13.04 -16.21
CA ASN B 169 -5.46 -11.69 -16.33
C ASN B 169 -6.08 -11.22 -15.03
N TYR B 170 -5.26 -11.24 -13.97
CA TYR B 170 -5.72 -10.83 -12.66
C TYR B 170 -4.76 -9.83 -12.04
N LYS B 171 -5.31 -9.05 -11.12
CA LYS B 171 -4.53 -8.16 -10.29
C LYS B 171 -5.08 -8.34 -8.90
N THR B 172 -4.19 -8.25 -7.92
CA THR B 172 -4.59 -8.42 -6.52
C THR B 172 -4.16 -7.23 -5.67
N THR B 173 -5.04 -6.79 -4.77
CA THR B 173 -4.73 -5.67 -3.89
C THR B 173 -3.74 -6.14 -2.84
N PRO B 174 -2.97 -5.23 -2.26
CA PRO B 174 -2.16 -5.65 -1.12
C PRO B 174 -3.07 -5.98 0.07
N PRO B 175 -2.55 -6.69 1.06
CA PRO B 175 -3.34 -6.93 2.26
C PRO B 175 -3.70 -5.65 2.92
N VAL B 176 -4.90 -5.56 3.46
CA VAL B 176 -5.30 -4.39 4.21
C VAL B 176 -5.64 -4.82 5.62
N LEU B 177 -5.26 -4.00 6.59
CA LEU B 177 -5.52 -4.31 7.98
C LEU B 177 -7.00 -4.07 8.29
N ASP B 178 -7.66 -5.07 8.84
CA ASP B 178 -9.07 -4.95 9.20
C ASP B 178 -9.15 -4.53 10.66
N SER B 179 -10.35 -4.20 11.09
CA SER B 179 -10.58 -3.65 12.41
C SER B 179 -10.33 -4.64 13.53
N ASP B 180 -10.43 -5.93 13.26
CA ASP B 180 -10.16 -6.96 14.27
C ASP B 180 -8.69 -7.37 14.33
N GLY B 181 -7.82 -6.68 13.60
CA GLY B 181 -6.40 -7.02 13.56
C GLY B 181 -5.99 -8.10 12.57
N SER B 182 -6.95 -8.71 11.89
CA SER B 182 -6.63 -9.61 10.79
C SER B 182 -6.56 -8.81 9.49
N PHE B 183 -6.27 -9.50 8.39
CA PHE B 183 -6.09 -8.85 7.10
C PHE B 183 -7.12 -9.34 6.09
N PHE B 184 -7.36 -8.52 5.08
CA PHE B 184 -8.10 -8.93 3.91
C PHE B 184 -7.47 -8.42 2.65
N LEU B 185 -7.89 -9.01 1.55
CA LEU B 185 -7.59 -8.49 0.24
C LEU B 185 -8.63 -8.94 -0.77
N TYR B 186 -8.54 -8.38 -1.95
CA TYR B 186 -9.38 -8.78 -3.06
C TYR B 186 -8.49 -9.05 -4.26
N SER B 187 -8.89 -10.03 -5.06
CA SER B 187 -8.23 -10.28 -6.34
C SER B 187 -9.30 -10.18 -7.41
N LYS B 188 -8.97 -9.54 -8.52
CA LYS B 188 -9.89 -9.32 -9.62
C LYS B 188 -9.31 -10.02 -10.85
N LEU B 189 -10.11 -10.89 -11.45
CA LEU B 189 -9.77 -11.54 -12.72
C LEU B 189 -10.64 -10.94 -13.79
N THR B 190 -10.03 -10.53 -14.90
CA THR B 190 -10.77 -9.92 -15.99
C THR B 190 -10.98 -10.95 -17.10
N VAL B 191 -12.22 -11.14 -17.54
CA VAL B 191 -12.51 -12.06 -18.63
C VAL B 191 -13.56 -11.50 -19.60
N ASP B 192 -13.57 -12.04 -20.81
CA ASP B 192 -14.60 -11.67 -21.79
C ASP B 192 -15.95 -12.11 -21.28
N LYS B 193 -16.96 -11.27 -21.49
CA LYS B 193 -18.32 -11.57 -21.05
C LYS B 193 -18.82 -12.89 -21.63
N SER B 194 -18.64 -13.07 -22.93
CA SER B 194 -19.09 -14.27 -23.64
C SER B 194 -18.50 -15.55 -23.05
N ARG B 195 -17.28 -15.46 -22.53
CA ARG B 195 -16.61 -16.61 -21.90
C ARG B 195 -17.21 -16.93 -20.52
N TRP B 196 -17.43 -15.90 -19.70
CA TRP B 196 -18.12 -16.08 -18.41
C TRP B 196 -19.48 -16.74 -18.66
N GLN B 197 -20.22 -16.15 -19.60
CA GLN B 197 -21.41 -16.77 -20.15
C GLN B 197 -21.04 -18.09 -20.81
N GLN B 198 -21.92 -19.09 -20.68
CA GLN B 198 -21.67 -20.47 -21.11
C GLN B 198 -21.11 -21.35 -19.97
N GLY B 199 -21.03 -20.80 -18.77
CA GLY B 199 -20.86 -21.60 -17.57
C GLY B 199 -19.51 -22.24 -17.31
N ASN B 200 -18.43 -21.61 -17.79
CA ASN B 200 -17.08 -22.05 -17.45
C ASN B 200 -16.78 -21.89 -15.97
N VAL B 201 -15.99 -22.81 -15.42
CA VAL B 201 -15.55 -22.71 -14.04
C VAL B 201 -14.24 -21.94 -13.96
N PHE B 202 -14.20 -20.94 -13.09
CA PHE B 202 -12.97 -20.24 -12.76
C PHE B 202 -12.67 -20.45 -11.30
N SER B 203 -11.39 -20.50 -10.97
CA SER B 203 -11.00 -20.77 -9.60
C SER B 203 -9.96 -19.82 -9.02
N CYS B 204 -10.15 -19.53 -7.75
CA CYS B 204 -9.29 -18.66 -6.99
C CYS B 204 -8.55 -19.54 -6.00
N SER B 205 -7.22 -19.54 -6.04
CA SER B 205 -6.42 -20.36 -5.12
C SER B 205 -5.58 -19.47 -4.21
N VAL B 206 -5.47 -19.88 -2.96
CA VAL B 206 -4.81 -19.09 -1.93
C VAL B 206 -3.81 -19.96 -1.15
N MET B 207 -2.59 -19.45 -1.01
CA MET B 207 -1.56 -20.11 -0.23
C MET B 207 -1.31 -19.29 1.01
N HIS B 208 -1.39 -19.92 2.18
CA HIS B 208 -1.18 -19.22 3.44
C HIS B 208 -0.76 -20.22 4.49
N GLU B 209 0.09 -19.80 5.41
CA GLU B 209 0.67 -20.74 6.37
C GLU B 209 -0.39 -21.47 7.22
N ALA B 210 -1.55 -20.85 7.44
CA ALA B 210 -2.57 -21.39 8.36
C ALA B 210 -3.57 -22.34 7.72
N LEU B 211 -3.62 -22.38 6.39
CA LEU B 211 -4.42 -23.37 5.68
C LEU B 211 -3.82 -24.77 5.78
N HIS B 212 -4.70 -25.77 5.77
CA HIS B 212 -4.28 -27.16 5.67
C HIS B 212 -3.57 -27.37 4.32
N ASN B 213 -2.38 -27.95 4.38
CA ASN B 213 -1.47 -28.02 3.23
C ASN B 213 -1.12 -26.67 2.66
N HIS B 214 -1.23 -25.62 3.47
CA HIS B 214 -0.92 -24.26 3.06
C HIS B 214 -1.63 -23.82 1.76
N TYR B 215 -2.79 -24.39 1.47
CA TYR B 215 -3.43 -24.17 0.18
C TYR B 215 -4.92 -24.48 0.23
N THR B 216 -5.73 -23.60 -0.36
CA THR B 216 -7.15 -23.85 -0.54
C THR B 216 -7.56 -23.26 -1.85
N GLN B 217 -8.72 -23.66 -2.33
CA GLN B 217 -9.17 -23.24 -3.64
C GLN B 217 -10.69 -23.09 -3.62
N LYS B 218 -11.21 -22.07 -4.31
CA LYS B 218 -12.65 -21.89 -4.47
C LYS B 218 -12.96 -21.62 -5.90
N SER B 219 -14.20 -21.91 -6.28
CA SER B 219 -14.59 -21.86 -7.67
C SER B 219 -15.82 -21.02 -7.85
N LEU B 220 -15.97 -20.58 -9.09
CA LEU B 220 -17.01 -19.64 -9.46
C LEU B 220 -17.45 -20.01 -10.88
N SER B 221 -18.77 -20.06 -11.09
CA SER B 221 -19.33 -20.36 -12.40
C SER B 221 -20.66 -19.66 -12.58
N LEU B 222 -21.03 -19.43 -13.83
CA LEU B 222 -22.30 -18.81 -14.15
C LEU B 222 -23.47 -19.61 -13.58
N SER B 223 -24.49 -18.90 -13.09
CA SER B 223 -25.73 -19.49 -12.57
C SER B 223 -25.48 -20.21 -11.25
C1 NAG C . 15.43 13.86 12.85
C2 NAG C . 15.82 12.91 11.71
C3 NAG C . 14.92 13.03 10.49
C4 NAG C . 13.47 12.82 10.93
C5 NAG C . 13.18 13.81 12.05
C6 NAG C . 11.74 13.72 12.58
C7 NAG C . 18.08 12.08 11.10
C8 NAG C . 17.64 10.65 11.30
N2 NAG C . 17.21 13.08 11.30
O3 NAG C . 15.29 12.10 9.48
O4 NAG C . 12.53 13.13 9.89
O5 NAG C . 14.07 13.63 13.13
O6 NAG C . 11.59 12.35 12.86
O7 NAG C . 19.23 12.32 10.74
C1 NAG C . 12.20 12.22 8.82
C2 NAG C . 10.76 12.52 8.36
C3 NAG C . 10.36 11.69 7.12
C4 NAG C . 11.47 11.52 6.05
C5 NAG C . 12.82 11.29 6.76
C6 NAG C . 13.99 11.10 5.79
C7 NAG C . 8.99 13.23 9.97
C8 NAG C . 8.00 12.83 11.02
N2 NAG C . 9.77 12.27 9.42
O3 NAG C . 9.20 12.25 6.55
O4 NAG C . 11.25 10.42 5.16
O5 NAG C . 13.07 12.32 7.71
O6 NAG C . 15.17 11.76 6.24
O7 NAG C . 9.03 14.41 9.65
C1 BMA C . 10.27 10.57 4.11
C2 BMA C . 10.50 9.45 3.07
C3 BMA C . 9.60 9.66 1.86
C4 BMA C . 8.15 9.72 2.29
C5 BMA C . 7.88 10.62 3.52
C6 BMA C . 6.49 10.26 4.06
O2 BMA C . 10.22 8.15 3.65
O3 BMA C . 9.68 8.57 0.93
O4 BMA C . 7.40 10.22 1.18
O5 BMA C . 8.89 10.50 4.54
O6 BMA C . 6.30 10.78 5.39
C1 MAN C . 4.90 10.98 5.70
C2 MAN C . 4.74 12.29 6.46
C3 MAN C . 5.48 12.15 7.79
C4 MAN C . 4.86 11.00 8.57
C5 MAN C . 5.00 9.75 7.73
C6 MAN C . 4.36 8.56 8.43
O2 MAN C . 3.37 12.55 6.79
O3 MAN C . 5.37 13.34 8.52
O4 MAN C . 5.51 10.88 9.81
O5 MAN C . 4.39 9.90 6.46
O6 MAN C . 5.40 7.71 8.83
C1 NAG C . 2.65 13.37 5.85
C2 NAG C . 1.14 13.04 5.96
C3 NAG C . 0.27 13.90 5.01
C4 NAG C . 0.69 15.37 5.01
C5 NAG C . 2.21 15.54 5.07
C6 NAG C . 2.66 17.00 5.24
C7 NAG C . 0.88 10.77 6.83
C8 NAG C . 0.62 9.32 6.53
N2 NAG C . 0.88 11.61 5.80
O3 NAG C . -1.09 13.77 5.39
O4 NAG C . 0.17 16.09 3.88
O5 NAG C . 2.79 14.74 6.10
O6 NAG C . 1.95 17.68 6.25
O7 NAG C . 1.09 11.13 8.01
C1 GAL C . -0.75 17.15 4.31
C2 GAL C . -1.47 17.81 3.10
C3 GAL C . -2.45 18.88 3.60
C4 GAL C . -3.38 18.35 4.70
C5 GAL C . -2.55 17.66 5.79
C6 GAL C . -3.39 16.97 6.86
O2 GAL C . -0.55 18.34 2.15
O3 GAL C . -3.23 19.39 2.54
O4 GAL C . -4.30 17.46 4.13
O5 GAL C . -1.72 16.67 5.23
O6 GAL C . -4.23 17.88 7.52
C1 SIA C . -5.64 16.53 8.61
C2 SIA C . -4.96 17.88 8.76
C3 SIA C . -5.96 19.04 8.87
C4 SIA C . -6.79 18.98 10.14
C5 SIA C . -6.01 18.57 11.42
C6 SIA C . -4.72 17.74 11.21
C7 SIA C . -3.71 18.04 12.32
C8 SIA C . -2.88 16.84 12.82
C9 SIA C . -3.59 16.04 13.93
C10 SIA C . -7.14 18.04 13.55
C11 SIA C . -8.09 17.11 14.24
N5 SIA C . -6.93 17.79 12.26
O1A SIA C . -6.83 16.48 8.22
O1B SIA C . -5.00 15.49 8.87
O4 SIA C . -7.37 20.27 10.37
O6 SIA C . -4.10 17.93 9.92
O7 SIA C . -2.78 19.06 11.90
O8 SIA C . -2.55 15.95 11.74
O9 SIA C . -2.65 15.59 14.90
O10 SIA C . -6.60 18.96 14.16
C1 MAN C . 9.93 9.00 -0.41
C2 MAN C . 9.70 7.85 -1.41
C3 MAN C . 10.60 6.69 -1.03
C4 MAN C . 12.05 7.16 -1.07
C5 MAN C . 12.22 8.42 -0.20
C6 MAN C . 13.60 9.03 -0.36
O2 MAN C . 10.06 8.24 -2.74
O3 MAN C . 10.40 5.57 -1.88
O4 MAN C . 12.89 6.12 -0.61
O5 MAN C . 11.26 9.42 -0.52
O6 MAN C . 13.50 10.38 0.06
C1 NAG C . 9.03 8.90 -3.48
C2 NAG C . 9.65 9.78 -4.56
C3 NAG C . 8.55 10.63 -5.18
C4 NAG C . 7.52 9.68 -5.81
C5 NAG C . 7.06 8.62 -4.80
C6 NAG C . 6.21 7.56 -5.51
C7 NAG C . 12.05 10.45 -4.39
C8 NAG C . 12.47 9.38 -5.37
N2 NAG C . 10.76 10.60 -4.05
O3 NAG C . 9.09 11.51 -6.15
O4 NAG C . 6.42 10.43 -6.30
O5 NAG C . 8.15 8.00 -4.13
O6 NAG C . 5.65 6.67 -4.55
O7 NAG C . 12.91 11.18 -3.91
C1 FUC C . 10.34 11.85 13.39
C2 FUC C . 10.02 10.41 12.89
C3 FUC C . 10.95 9.36 13.49
C4 FUC C . 11.14 9.59 15.00
C5 FUC C . 11.52 11.04 15.27
C6 FUC C . 11.75 11.29 16.76
O2 FUC C . 10.04 10.29 11.46
O3 FUC C . 10.43 8.06 13.28
O4 FUC C . 9.92 9.33 15.64
O5 FUC C . 10.48 11.89 14.80
C1 NAG D . 22.56 7.94 0.93
C2 NAG D . 21.67 8.24 2.12
C3 NAG D . 21.06 7.00 2.76
C4 NAG D . 20.43 6.14 1.69
C5 NAG D . 21.53 5.83 0.67
C6 NAG D . 21.00 4.93 -0.42
C7 NAG D . 22.25 10.33 3.25
C8 NAG D . 23.00 11.00 4.37
N2 NAG D . 22.38 9.00 3.13
O3 NAG D . 20.13 7.40 3.76
O4 NAG D . 19.99 4.89 2.20
O5 NAG D . 21.94 7.02 0.03
O6 NAG D . 19.84 5.48 -0.96
O7 NAG D . 21.60 11.01 2.46
C1 NAG D . 18.64 4.91 2.74
C2 NAG D . 17.99 3.54 2.54
C3 NAG D . 16.59 3.55 3.11
C4 NAG D . 16.59 4.04 4.59
C5 NAG D . 17.33 5.39 4.66
C6 NAG D . 17.49 5.86 6.10
C7 NAG D . 18.65 2.15 0.60
C8 NAG D . 18.57 1.92 -0.88
N2 NAG D . 17.98 3.18 1.09
O3 NAG D . 16.05 2.26 3.05
O4 NAG D . 15.28 4.24 5.05
O5 NAG D . 18.63 5.24 4.12
O6 NAG D . 17.88 7.22 6.13
O7 NAG D . 19.32 1.37 1.29
C1 BMA D . 14.58 3.11 5.58
C2 BMA D . 13.65 3.59 6.70
C3 BMA D . 12.70 2.51 7.20
C4 BMA D . 11.99 1.88 6.03
C5 BMA D . 12.98 1.41 5.00
C6 BMA D . 12.28 0.82 3.79
O2 BMA D . 12.87 4.63 6.15
O3 BMA D . 11.69 3.06 8.03
O4 BMA D . 11.26 0.75 6.51
O5 BMA D . 13.78 2.50 4.56
O6 BMA D . 13.37 0.52 2.89
C1 MAN D . 11.73 2.69 9.42
C2 MAN D . 10.40 3.18 9.99
C3 MAN D . 10.34 4.70 9.90
C4 MAN D . 11.50 5.27 10.69
C5 MAN D . 12.83 4.70 10.15
C6 MAN D . 14.05 5.13 10.97
O2 MAN D . 10.28 2.86 11.35
O3 MAN D . 9.11 5.19 10.37
O4 MAN D . 11.47 6.68 10.64
O5 MAN D . 12.80 3.28 10.12
O6 MAN D . 15.08 5.60 10.11
C1 NAG D . 9.96 1.48 11.55
C2 NAG D . 10.62 1.05 12.85
C3 NAG D . 10.16 -0.35 13.27
C4 NAG D . 8.69 -0.64 12.96
C5 NAG D . 8.22 -0.08 11.61
C6 NAG D . 6.73 -0.23 11.38
C7 NAG D . 12.88 2.11 13.12
C8 NAG D . 12.35 3.31 13.86
N2 NAG D . 12.07 1.13 12.69
O3 NAG D . 10.39 -0.51 14.67
O4 NAG D . 8.47 -2.05 12.98
O5 NAG D . 8.56 1.29 11.57
O6 NAG D . 6.22 0.87 10.65
O7 NAG D . 14.09 2.08 12.92
C1 GAL D . 7.58 -2.48 14.03
C2 GAL D . 6.72 -3.65 13.53
C3 GAL D . 5.78 -4.06 14.66
C4 GAL D . 6.60 -4.42 15.90
C5 GAL D . 7.46 -3.22 16.30
C6 GAL D . 8.31 -3.52 17.52
O2 GAL D . 5.94 -3.30 12.41
O3 GAL D . 4.98 -5.16 14.24
O4 GAL D . 7.44 -5.52 15.63
O5 GAL D . 8.29 -2.86 15.21
O6 GAL D . 9.04 -2.38 17.87
C1 MAN D . 12.94 -0.27 1.78
C2 MAN D . 14.16 -0.68 0.94
C3 MAN D . 14.82 0.46 0.19
C4 MAN D . 13.76 1.25 -0.56
C5 MAN D . 12.65 1.64 0.39
C6 MAN D . 11.56 2.39 -0.36
O2 MAN D . 13.71 -1.54 -0.07
O3 MAN D . 15.68 -0.08 -0.80
O4 MAN D . 14.35 2.39 -1.12
O5 MAN D . 12.07 0.48 0.99
O6 MAN D . 10.61 2.74 0.61
C1 NAG D . 13.68 -2.91 0.36
C2 NAG D . 12.70 -3.63 -0.55
C3 NAG D . 12.67 -5.13 -0.23
C4 NAG D . 14.06 -5.74 -0.17
C5 NAG D . 15.00 -4.85 0.65
C6 NAG D . 16.47 -5.26 0.59
C7 NAG D . 10.85 -2.26 -1.45
C8 NAG D . 11.54 -2.05 -2.77
N2 NAG D . 11.38 -2.99 -0.47
O3 NAG D . 11.89 -5.76 -1.21
O4 NAG D . 13.94 -7.04 0.43
O5 NAG D . 14.95 -3.50 0.26
O6 NAG D . 16.93 -5.10 -0.73
O7 NAG D . 9.76 -1.75 -1.32
C1 GAL D . 14.59 -8.10 -0.31
C2 GAL D . 14.31 -9.43 0.42
C3 GAL D . 14.84 -10.63 -0.36
C4 GAL D . 14.58 -10.53 -1.87
C5 GAL D . 14.83 -9.14 -2.46
C6 GAL D . 14.31 -9.10 -3.90
O2 GAL D . 14.87 -9.49 1.74
O3 GAL D . 14.24 -11.77 0.17
O4 GAL D . 13.24 -10.84 -2.17
O5 GAL D . 14.16 -8.17 -1.67
O6 GAL D . 14.67 -7.90 -4.55
C1 FUC D . 19.84 5.53 -2.39
C2 FUC D . 18.49 5.74 -3.05
C3 FUC D . 18.24 7.23 -2.77
C4 FUC D . 19.39 8.07 -3.36
C5 FUC D . 20.74 7.56 -2.81
C6 FUC D . 21.91 8.40 -3.31
O2 FUC D . 17.51 4.91 -2.51
O3 FUC D . 17.02 7.60 -3.36
O4 FUC D . 19.48 7.83 -4.74
O5 FUC D . 20.86 6.16 -3.15
CL CL E . -10.22 28.29 -5.46
CL CL F . 14.45 -24.86 2.85
#